data_5VFY
#
_entry.id   5VFY
#
_cell.length_a   80.560
_cell.length_b   120.590
_cell.length_c   52.890
_cell.angle_alpha   90.000
_cell.angle_beta   90.000
_cell.angle_gamma   90.000
#
_symmetry.space_group_name_H-M   'P 21 21 2'
#
loop_
_entity.id
_entity.type
_entity.pdbx_description
1 polymer TcpK
2 water water
#
_entity_poly.entity_id   1
_entity_poly.type   'polypeptide(L)'
_entity_poly.pdbx_seq_one_letter_code
;QNSHMVKDLNLYAKELVDVVNYLMKKNQLVFSRNNKFIYVNTETIKSMLEKRNYDTVDGKLYLWRELEWIECAEDRFNKR
IKIDGENMYAVVIKYSSYSILKRLYLE
;
_entity_poly.pdbx_strand_id   A,B,C,D
#
# COMPACT_ATOMS: atom_id res chain seq x y z
N VAL A 6 3.54 -11.25 4.48
CA VAL A 6 4.56 -11.97 5.25
C VAL A 6 5.54 -10.97 5.96
N LYS A 7 6.29 -10.14 5.17
CA LYS A 7 7.21 -9.10 5.68
C LYS A 7 6.41 -7.79 5.80
N ASP A 8 5.35 -7.81 6.63
CA ASP A 8 4.39 -6.73 6.86
C ASP A 8 4.25 -6.54 8.37
N LEU A 9 4.82 -5.45 8.92
CA LEU A 9 4.79 -5.12 10.35
C LEU A 9 3.35 -5.01 10.91
N ASN A 10 2.36 -4.61 10.06
CA ASN A 10 0.97 -4.50 10.51
C ASN A 10 0.42 -5.81 11.02
N LEU A 11 0.87 -6.94 10.46
CA LEU A 11 0.42 -8.28 10.84
C LEU A 11 0.79 -8.60 12.28
N TYR A 12 2.02 -8.24 12.70
CA TYR A 12 2.52 -8.43 14.08
C TYR A 12 1.82 -7.54 15.07
N ALA A 13 1.62 -6.25 14.71
CA ALA A 13 0.93 -5.24 15.49
C ALA A 13 -0.53 -5.60 15.66
N LYS A 14 -1.19 -6.04 14.58
CA LYS A 14 -2.60 -6.42 14.60
C LYS A 14 -2.82 -7.65 15.49
N GLU A 15 -1.91 -8.63 15.40
CA GLU A 15 -1.96 -9.90 16.13
C GLU A 15 -1.89 -9.68 17.64
N LEU A 16 -1.09 -8.69 18.08
CA LEU A 16 -0.95 -8.37 19.50
C LEU A 16 -2.28 -7.82 20.07
N VAL A 17 -2.93 -6.94 19.34
CA VAL A 17 -4.23 -6.37 19.70
C VAL A 17 -5.29 -7.50 19.63
N ASP A 18 -5.25 -8.37 18.60
CA ASP A 18 -6.19 -9.51 18.46
C ASP A 18 -6.02 -10.57 19.54
N VAL A 19 -4.77 -10.84 19.99
CA VAL A 19 -4.49 -11.77 21.09
C VAL A 19 -5.21 -11.30 22.36
N VAL A 20 -5.10 -10.02 22.69
CA VAL A 20 -5.78 -9.43 23.85
C VAL A 20 -7.32 -9.49 23.66
N ASN A 21 -7.80 -9.17 22.45
CA ASN A 21 -9.22 -9.26 22.12
C ASN A 21 -9.77 -10.68 22.31
N TYR A 22 -9.01 -11.70 21.88
CA TYR A 22 -9.38 -13.10 22.00
C TYR A 22 -9.47 -13.49 23.48
N LEU A 23 -8.49 -13.11 24.28
CA LEU A 23 -8.46 -13.41 25.71
C LEU A 23 -9.57 -12.69 26.47
N MET A 24 -9.93 -11.47 26.06
CA MET A 24 -11.02 -10.68 26.63
C MET A 24 -12.32 -11.45 26.42
N LYS A 25 -12.59 -11.86 25.17
CA LYS A 25 -13.74 -12.65 24.71
C LYS A 25 -13.89 -13.96 25.48
N LYS A 26 -12.77 -14.66 25.73
CA LYS A 26 -12.75 -15.95 26.44
C LYS A 26 -12.71 -15.80 27.95
N ASN A 27 -12.68 -14.56 28.46
CA ASN A 27 -12.61 -14.26 29.88
C ASN A 27 -11.36 -14.86 30.54
N GLN A 28 -10.22 -14.83 29.82
CA GLN A 28 -8.96 -15.38 30.29
C GLN A 28 -7.90 -14.31 30.50
N LEU A 29 -8.30 -13.04 30.41
CA LEU A 29 -7.39 -11.91 30.56
C LEU A 29 -6.89 -11.71 31.99
N VAL A 30 -5.54 -11.91 32.25
CA VAL A 30 -4.93 -11.75 33.57
C VAL A 30 -4.04 -10.52 33.58
N PHE A 31 -4.36 -9.58 34.44
CA PHE A 31 -3.61 -8.36 34.63
C PHE A 31 -2.77 -8.47 35.86
N SER A 32 -1.66 -7.73 35.87
CA SER A 32 -0.79 -7.56 37.04
C SER A 32 -1.64 -6.71 38.02
N ARG A 33 -1.21 -6.61 39.30
CA ARG A 33 -1.93 -5.82 40.31
C ARG A 33 -1.98 -4.33 39.99
N ASN A 34 -0.88 -3.78 39.45
CA ASN A 34 -0.73 -2.36 39.09
C ASN A 34 -1.27 -2.02 37.68
N ASN A 35 -1.83 -3.02 36.96
CA ASN A 35 -2.37 -2.90 35.59
C ASN A 35 -1.31 -2.47 34.55
N LYS A 36 -0.04 -2.73 34.84
CA LYS A 36 1.06 -2.38 33.98
C LYS A 36 1.29 -3.48 32.94
N PHE A 37 0.94 -4.72 33.29
CA PHE A 37 1.16 -5.90 32.44
C PHE A 37 -0.05 -6.79 32.28
N ILE A 38 -0.04 -7.55 31.18
CA ILE A 38 -1.04 -8.55 30.84
C ILE A 38 -0.25 -9.85 30.78
N TYR A 39 -0.67 -10.85 31.56
CA TYR A 39 -0.02 -12.14 31.64
C TYR A 39 -0.76 -13.16 30.89
N VAL A 40 -0.03 -13.88 30.04
CA VAL A 40 -0.64 -14.91 29.24
C VAL A 40 0.19 -16.16 29.41
N ASN A 41 -0.50 -17.28 29.59
CA ASN A 41 0.06 -18.61 29.70
C ASN A 41 0.82 -18.90 28.38
N THR A 42 2.04 -19.39 28.47
CA THR A 42 2.91 -19.69 27.32
C THR A 42 2.25 -20.67 26.32
N GLU A 43 1.61 -21.76 26.81
CA GLU A 43 0.93 -22.72 25.93
C GLU A 43 -0.26 -22.12 25.16
N THR A 44 -1.00 -21.20 25.80
CA THR A 44 -2.13 -20.48 25.20
C THR A 44 -1.63 -19.60 24.07
N ILE A 45 -0.55 -18.81 24.31
CA ILE A 45 0.04 -17.94 23.30
C ILE A 45 0.53 -18.76 22.11
N LYS A 46 1.22 -19.88 22.37
CA LYS A 46 1.78 -20.75 21.34
C LYS A 46 0.69 -21.35 20.47
N SER A 47 -0.47 -21.76 21.06
CA SER A 47 -1.59 -22.27 20.25
C SER A 47 -2.30 -21.16 19.44
N MET A 48 -2.26 -19.91 19.92
CA MET A 48 -2.91 -18.77 19.25
C MET A 48 -2.05 -18.25 18.12
N LEU A 49 -0.71 -18.20 18.31
CA LEU A 49 0.23 -17.67 17.33
C LEU A 49 0.43 -18.64 16.15
N GLU A 50 -0.04 -19.90 16.27
CA GLU A 50 0.05 -20.90 15.21
C GLU A 50 -0.99 -20.69 14.10
N LYS A 51 -2.11 -20.02 14.44
CA LYS A 51 -3.23 -19.77 13.51
C LYS A 51 -2.86 -19.01 12.22
N ARG A 52 -2.21 -17.84 12.34
CA ARG A 52 -1.83 -16.98 11.20
C ARG A 52 -0.41 -17.28 10.75
N ASN A 53 -0.29 -17.88 9.57
CA ASN A 53 0.97 -18.39 9.03
C ASN A 53 1.87 -17.35 8.31
N TYR A 54 1.86 -16.07 8.72
CA TYR A 54 2.76 -15.08 8.11
C TYR A 54 4.18 -15.17 8.69
N ASP A 55 4.31 -15.88 9.82
CA ASP A 55 5.56 -16.15 10.53
C ASP A 55 5.32 -17.29 11.52
N THR A 56 6.41 -17.86 12.07
CA THR A 56 6.34 -18.91 13.07
C THR A 56 6.04 -18.25 14.42
N VAL A 57 5.74 -19.07 15.44
CA VAL A 57 5.47 -18.62 16.80
C VAL A 57 6.69 -17.85 17.34
N ASP A 58 7.90 -18.45 17.19
CA ASP A 58 9.15 -17.84 17.66
C ASP A 58 9.53 -16.58 16.89
N GLY A 59 9.19 -16.52 15.60
CA GLY A 59 9.42 -15.35 14.77
C GLY A 59 8.60 -14.16 15.25
N LYS A 60 7.34 -14.44 15.66
CA LYS A 60 6.42 -13.41 16.18
C LYS A 60 6.93 -12.92 17.55
N LEU A 61 7.24 -13.87 18.45
CA LEU A 61 7.73 -13.56 19.80
C LEU A 61 9.03 -12.79 19.77
N TYR A 62 9.94 -13.15 18.85
CA TYR A 62 11.23 -12.46 18.70
C TYR A 62 11.03 -11.00 18.32
N LEU A 63 10.16 -10.73 17.34
CA LEU A 63 9.87 -9.36 16.92
C LEU A 63 9.22 -8.56 18.06
N TRP A 64 8.23 -9.15 18.79
CA TRP A 64 7.54 -8.47 19.92
C TRP A 64 8.55 -8.13 21.00
N ARG A 65 9.50 -9.05 21.27
CA ARG A 65 10.55 -8.83 22.24
C ARG A 65 11.50 -7.71 21.82
N GLU A 66 11.95 -7.72 20.55
CA GLU A 66 12.88 -6.71 20.03
C GLU A 66 12.29 -5.32 19.92
N LEU A 67 10.98 -5.22 19.68
CA LEU A 67 10.27 -3.97 19.61
C LEU A 67 9.76 -3.55 20.97
N GLU A 68 10.03 -4.36 22.00
CA GLU A 68 9.71 -4.15 23.41
C GLU A 68 8.20 -4.03 23.69
N TRP A 69 7.38 -4.86 23.03
CA TRP A 69 5.93 -4.91 23.28
C TRP A 69 5.67 -5.94 24.41
N ILE A 70 6.62 -6.87 24.60
CA ILE A 70 6.60 -7.91 25.63
C ILE A 70 7.88 -7.84 26.47
N GLU A 71 7.79 -8.26 27.77
CA GLU A 71 8.91 -8.31 28.70
C GLU A 71 9.35 -9.74 28.86
N CYS A 72 10.63 -10.00 28.63
CA CYS A 72 11.18 -11.35 28.73
C CYS A 72 12.35 -11.46 29.66
N ALA A 73 12.62 -12.71 30.09
CA ALA A 73 13.79 -13.07 30.87
C ALA A 73 14.92 -13.20 29.83
N GLU A 74 16.19 -13.10 30.29
CA GLU A 74 17.38 -13.19 29.42
C GLU A 74 17.39 -14.51 28.62
N ASP A 75 17.40 -14.39 27.27
CA ASP A 75 17.43 -15.52 26.33
C ASP A 75 16.18 -16.41 26.37
N ARG A 76 15.01 -15.79 26.60
CA ARG A 76 13.72 -16.48 26.68
C ARG A 76 12.65 -15.60 26.06
N PHE A 77 11.41 -16.13 25.94
CA PHE A 77 10.26 -15.36 25.44
C PHE A 77 9.23 -15.08 26.54
N ASN A 78 9.50 -15.57 27.74
CA ASN A 78 8.64 -15.40 28.91
C ASN A 78 9.46 -14.90 30.12
N LYS A 79 8.76 -14.51 31.19
CA LYS A 79 9.32 -14.06 32.46
C LYS A 79 8.71 -14.96 33.53
N ARG A 80 9.30 -14.98 34.73
CA ARG A 80 8.75 -15.71 35.89
C ARG A 80 7.96 -14.63 36.66
N ILE A 81 6.67 -14.88 36.88
CA ILE A 81 5.74 -13.89 37.49
C ILE A 81 4.90 -14.50 38.65
N LYS A 82 4.45 -13.66 39.62
CA LYS A 82 3.60 -14.16 40.74
C LYS A 82 2.21 -13.55 40.63
N ILE A 83 1.20 -14.39 40.38
CA ILE A 83 -0.14 -13.89 40.18
C ILE A 83 -1.14 -14.88 40.66
N ASP A 84 -1.94 -14.45 41.64
CA ASP A 84 -3.01 -15.24 42.26
C ASP A 84 -2.53 -16.61 42.74
N GLY A 85 -1.40 -16.63 43.43
CA GLY A 85 -0.83 -17.87 43.93
C GLY A 85 0.09 -18.60 42.97
N GLU A 86 0.07 -18.23 41.67
CA GLU A 86 0.92 -18.89 40.67
C GLU A 86 2.24 -18.15 40.52
N ASN A 87 3.40 -18.85 40.74
CA ASN A 87 4.78 -18.32 40.63
C ASN A 87 5.47 -19.06 39.50
N MET A 88 5.11 -18.76 38.25
CA MET A 88 5.66 -19.48 37.09
C MET A 88 5.91 -18.61 35.84
N TYR A 89 6.18 -19.24 34.69
CA TYR A 89 6.50 -18.56 33.43
C TYR A 89 5.30 -18.14 32.64
N ALA A 90 5.38 -16.93 32.05
CA ALA A 90 4.28 -16.37 31.27
C ALA A 90 4.76 -15.31 30.29
N VAL A 91 4.03 -15.16 29.19
CA VAL A 91 4.31 -14.11 28.21
C VAL A 91 3.73 -12.83 28.82
N VAL A 92 4.59 -11.84 29.01
CA VAL A 92 4.25 -10.59 29.69
C VAL A 92 4.08 -9.48 28.66
N ILE A 93 2.82 -9.10 28.36
CA ILE A 93 2.51 -8.02 27.41
C ILE A 93 2.43 -6.71 28.18
N LYS A 94 3.11 -5.67 27.68
CA LYS A 94 3.09 -4.34 28.30
C LYS A 94 1.76 -3.68 27.96
N TYR A 95 0.97 -3.29 28.99
CA TYR A 95 -0.33 -2.66 28.77
C TYR A 95 -0.18 -1.35 27.94
N SER A 96 0.88 -0.56 28.23
CA SER A 96 1.16 0.69 27.51
C SER A 96 1.34 0.45 26.02
N SER A 97 2.09 -0.60 25.63
CA SER A 97 2.31 -0.96 24.22
C SER A 97 1.03 -1.37 23.56
N TYR A 98 0.21 -2.22 24.25
CA TYR A 98 -1.08 -2.66 23.72
C TYR A 98 -1.99 -1.46 23.48
N SER A 99 -2.02 -0.48 24.44
CA SER A 99 -2.86 0.74 24.36
C SER A 99 -2.48 1.60 23.17
N ILE A 100 -1.16 1.77 22.92
CA ILE A 100 -0.59 2.52 21.79
C ILE A 100 -0.98 1.85 20.48
N LEU A 101 -0.75 0.53 20.34
CA LEU A 101 -1.10 -0.22 19.13
C LEU A 101 -2.60 -0.27 18.88
N LYS A 102 -3.43 -0.40 19.94
CA LYS A 102 -4.90 -0.39 19.82
C LYS A 102 -5.38 0.99 19.31
N ARG A 103 -4.84 2.08 19.87
CA ARG A 103 -5.13 3.44 19.44
C ARG A 103 -4.76 3.61 17.96
N LEU A 104 -3.63 3.02 17.51
CA LEU A 104 -3.17 3.05 16.09
C LEU A 104 -4.07 2.21 15.16
N TYR A 105 -4.52 1.06 15.64
CA TYR A 105 -5.41 0.12 14.97
C TYR A 105 -6.77 0.77 14.75
N LEU A 106 -7.17 1.72 15.63
CA LEU A 106 -8.49 2.37 15.65
C LEU A 106 -8.60 3.74 14.99
N GLU A 107 -7.46 4.46 14.75
CA GLU A 107 -7.46 5.80 14.14
C GLU A 107 -8.36 5.93 12.91
N VAL B 6 -6.16 4.13 10.02
CA VAL B 6 -5.29 2.95 10.14
C VAL B 6 -4.03 3.10 9.26
N LYS B 7 -2.97 3.62 9.92
CA LYS B 7 -1.67 3.86 9.31
C LYS B 7 -1.05 2.57 8.81
N ASP B 8 -0.25 2.66 7.75
CA ASP B 8 0.53 1.52 7.29
C ASP B 8 1.87 1.71 7.99
N LEU B 9 2.10 0.94 9.07
CA LEU B 9 3.34 0.97 9.88
C LEU B 9 4.59 0.69 9.07
N ASN B 10 4.47 -0.11 7.99
CA ASN B 10 5.60 -0.44 7.10
C ASN B 10 6.21 0.80 6.48
N LEU B 11 5.40 1.83 6.20
CA LEU B 11 5.92 3.06 5.59
C LEU B 11 6.90 3.77 6.51
N TYR B 12 6.56 3.81 7.81
CA TYR B 12 7.34 4.42 8.90
C TYR B 12 8.56 3.58 9.25
N ALA B 13 8.39 2.23 9.32
CA ALA B 13 9.44 1.25 9.62
C ALA B 13 10.50 1.19 8.50
N LYS B 14 10.07 1.10 7.23
CA LYS B 14 10.98 1.08 6.08
C LYS B 14 11.73 2.40 5.99
N GLU B 15 11.07 3.51 6.28
CA GLU B 15 11.72 4.80 6.26
C GLU B 15 12.78 4.90 7.35
N LEU B 16 12.57 4.28 8.52
CA LEU B 16 13.61 4.33 9.55
C LEU B 16 14.87 3.57 9.05
N VAL B 17 14.68 2.35 8.54
CA VAL B 17 15.70 1.48 7.99
C VAL B 17 16.46 2.18 6.84
N ASP B 18 15.74 2.77 5.87
CA ASP B 18 16.31 3.46 4.70
C ASP B 18 17.15 4.67 5.07
N VAL B 19 16.67 5.45 6.05
CA VAL B 19 17.36 6.64 6.58
C VAL B 19 18.71 6.23 7.17
N VAL B 20 18.75 5.19 8.01
CA VAL B 20 19.97 4.72 8.66
C VAL B 20 20.93 4.17 7.62
N ASN B 21 20.43 3.34 6.69
CA ASN B 21 21.24 2.76 5.61
C ASN B 21 21.91 3.83 4.77
N TYR B 22 21.16 4.90 4.43
CA TYR B 22 21.67 6.00 3.63
C TYR B 22 22.79 6.72 4.36
N LEU B 23 22.57 7.04 5.64
CA LEU B 23 23.51 7.73 6.47
C LEU B 23 24.75 6.89 6.78
N MET B 24 24.60 5.55 6.89
CA MET B 24 25.71 4.60 7.11
C MET B 24 26.65 4.69 5.92
N LYS B 25 26.07 4.55 4.70
CA LYS B 25 26.74 4.63 3.41
C LYS B 25 27.52 5.94 3.26
N LYS B 26 26.91 7.07 3.67
CA LYS B 26 27.49 8.40 3.55
C LYS B 26 28.41 8.78 4.72
N ASN B 27 28.58 7.86 5.70
CA ASN B 27 29.40 8.05 6.90
C ASN B 27 28.95 9.31 7.68
N GLN B 28 27.64 9.48 7.79
CA GLN B 28 27.05 10.61 8.50
C GLN B 28 26.37 10.17 9.82
N LEU B 29 26.69 8.96 10.28
CA LEU B 29 26.21 8.38 11.52
C LEU B 29 27.28 8.37 12.56
N VAL B 30 26.84 8.49 13.77
CA VAL B 30 27.70 8.38 14.92
C VAL B 30 26.98 7.36 15.80
N PHE B 31 27.71 6.40 16.33
CA PHE B 31 27.19 5.41 17.24
C PHE B 31 27.52 5.77 18.66
N SER B 32 26.72 5.27 19.63
CA SER B 32 27.00 5.49 21.05
C SER B 32 28.15 4.53 21.41
N ARG B 33 28.89 4.79 22.53
CA ARG B 33 30.03 3.94 22.90
C ARG B 33 29.64 2.48 23.05
N ASN B 34 28.46 2.22 23.65
CA ASN B 34 27.92 0.87 23.90
C ASN B 34 27.12 0.31 22.71
N ASN B 35 27.07 1.05 21.57
CA ASN B 35 26.38 0.68 20.32
C ASN B 35 24.87 0.49 20.51
N LYS B 36 24.32 1.12 21.54
CA LYS B 36 22.92 1.01 21.86
C LYS B 36 22.12 2.03 21.03
N PHE B 37 22.78 3.16 20.64
CA PHE B 37 22.16 4.25 19.91
C PHE B 37 22.91 4.70 18.69
N ILE B 38 22.15 5.29 17.76
CA ILE B 38 22.64 5.91 16.53
C ILE B 38 22.23 7.37 16.66
N TYR B 39 23.22 8.29 16.57
CA TYR B 39 22.98 9.72 16.68
C TYR B 39 23.00 10.34 15.30
N VAL B 40 21.96 11.10 14.96
CA VAL B 40 21.82 11.75 13.66
C VAL B 40 21.52 13.22 13.90
N ASN B 41 22.02 14.09 13.03
CA ASN B 41 21.75 15.52 13.02
C ASN B 41 20.25 15.72 12.72
N THR B 42 19.55 16.54 13.54
CA THR B 42 18.12 16.82 13.43
C THR B 42 17.73 17.36 12.06
N GLU B 43 18.48 18.35 11.54
CA GLU B 43 18.20 18.96 10.24
C GLU B 43 18.33 17.99 9.09
N THR B 44 19.33 17.08 9.16
CA THR B 44 19.55 16.01 8.16
C THR B 44 18.32 15.07 8.13
N ILE B 45 17.86 14.61 9.32
CA ILE B 45 16.69 13.77 9.47
C ILE B 45 15.45 14.46 8.85
N LYS B 46 15.15 15.71 9.28
CA LYS B 46 14.01 16.51 8.80
C LYS B 46 14.00 16.74 7.29
N SER B 47 15.19 16.93 6.70
CA SER B 47 15.35 17.09 5.27
C SER B 47 15.01 15.76 4.53
N MET B 48 15.42 14.62 5.09
CA MET B 48 15.15 13.32 4.50
C MET B 48 13.70 12.90 4.68
N LEU B 49 13.08 13.27 5.80
CA LEU B 49 11.69 12.88 6.07
C LEU B 49 10.66 13.64 5.22
N GLU B 50 11.13 14.66 4.50
CA GLU B 50 10.31 15.48 3.63
C GLU B 50 9.98 14.80 2.32
N LYS B 51 10.88 13.95 1.83
CA LYS B 51 10.80 13.27 0.53
C LYS B 51 9.54 12.44 0.31
N ARG B 52 9.20 11.48 1.21
CA ARG B 52 8.04 10.57 1.08
C ARG B 52 6.80 11.16 1.73
N ASN B 53 5.82 11.52 0.90
CA ASN B 53 4.61 12.22 1.31
C ASN B 53 3.46 11.31 1.78
N TYR B 54 3.73 10.39 2.69
CA TYR B 54 2.65 9.55 3.26
C TYR B 54 2.23 10.16 4.61
N ASP B 55 3.02 11.10 5.13
CA ASP B 55 2.76 11.83 6.37
C ASP B 55 3.69 13.06 6.38
N THR B 56 3.50 13.96 7.38
CA THR B 56 4.35 15.13 7.56
C THR B 56 5.59 14.66 8.33
N VAL B 57 6.64 15.49 8.40
CA VAL B 57 7.86 15.20 9.16
C VAL B 57 7.51 14.92 10.63
N ASP B 58 6.70 15.80 11.24
CA ASP B 58 6.30 15.69 12.64
C ASP B 58 5.42 14.48 12.89
N GLY B 59 4.57 14.10 11.91
CA GLY B 59 3.73 12.91 11.98
C GLY B 59 4.59 11.65 12.04
N LYS B 60 5.66 11.62 11.23
CA LYS B 60 6.64 10.52 11.22
C LYS B 60 7.42 10.43 12.55
N LEU B 61 7.98 11.55 13.00
CA LEU B 61 8.73 11.63 14.26
C LEU B 61 7.88 11.28 15.49
N TYR B 62 6.62 11.72 15.50
CA TYR B 62 5.68 11.44 16.58
C TYR B 62 5.41 9.93 16.68
N LEU B 63 5.19 9.25 15.53
CA LEU B 63 5.00 7.79 15.54
C LEU B 63 6.26 7.04 16.01
N TRP B 64 7.47 7.44 15.53
CA TRP B 64 8.74 6.82 15.98
C TRP B 64 8.91 6.98 17.47
N ARG B 65 8.54 8.18 18.01
CA ARG B 65 8.65 8.46 19.43
C ARG B 65 7.63 7.62 20.23
N GLU B 66 6.38 7.51 19.76
CA GLU B 66 5.32 6.75 20.45
C GLU B 66 5.57 5.25 20.48
N LEU B 67 6.23 4.74 19.43
CA LEU B 67 6.57 3.32 19.32
C LEU B 67 7.93 3.04 19.96
N GLU B 68 8.59 4.09 20.44
CA GLU B 68 9.88 4.07 21.12
C GLU B 68 11.00 3.53 20.24
N TRP B 69 11.03 3.94 18.96
CA TRP B 69 12.11 3.59 18.04
C TRP B 69 13.23 4.66 18.18
N ILE B 70 12.85 5.85 18.69
CA ILE B 70 13.73 6.99 18.95
C ILE B 70 13.60 7.43 20.40
N GLU B 71 14.69 7.95 20.98
CA GLU B 71 14.70 8.46 22.37
C GLU B 71 14.70 9.99 22.34
N CYS B 72 13.73 10.61 23.01
CA CYS B 72 13.54 12.06 22.99
C CYS B 72 13.58 12.71 24.35
N ALA B 73 13.82 14.01 24.33
CA ALA B 73 13.74 14.85 25.53
C ALA B 73 12.22 15.20 25.64
N GLU B 74 11.79 15.67 26.81
CA GLU B 74 10.40 16.06 27.09
C GLU B 74 9.91 17.12 26.08
N ASP B 75 8.82 16.79 25.35
CA ASP B 75 8.18 17.65 24.34
C ASP B 75 9.13 18.08 23.19
N ARG B 76 10.07 17.17 22.82
CA ARG B 76 11.05 17.34 21.73
C ARG B 76 11.11 16.04 20.93
N PHE B 77 11.61 16.12 19.70
CA PHE B 77 11.83 14.94 18.87
C PHE B 77 13.31 14.55 18.91
N ASN B 78 14.15 15.39 19.49
CA ASN B 78 15.58 15.14 19.63
C ASN B 78 16.00 15.20 21.10
N LYS B 79 17.29 14.95 21.34
CA LYS B 79 17.89 14.88 22.67
C LYS B 79 19.26 15.51 22.67
N ARG B 80 19.66 16.06 23.81
CA ARG B 80 20.99 16.63 23.98
C ARG B 80 21.96 15.51 24.37
N ILE B 81 23.09 15.42 23.67
CA ILE B 81 24.10 14.34 23.80
C ILE B 81 25.53 14.92 23.76
N LYS B 82 26.54 14.05 23.95
CA LYS B 82 27.97 14.41 23.95
C LYS B 82 28.72 13.55 22.93
N ILE B 83 29.41 14.20 21.96
CA ILE B 83 30.23 13.59 20.89
C ILE B 83 31.63 14.22 20.92
N ASP B 84 32.65 13.44 21.34
CA ASP B 84 34.07 13.84 21.46
C ASP B 84 34.21 15.14 22.28
N GLY B 85 33.56 15.15 23.44
CA GLY B 85 33.54 16.28 24.38
C GLY B 85 32.57 17.40 24.04
N GLU B 86 32.02 17.40 22.82
CA GLU B 86 31.10 18.44 22.37
C GLU B 86 29.64 18.06 22.65
N ASN B 87 28.91 18.97 23.28
CA ASN B 87 27.48 18.78 23.55
C ASN B 87 26.63 19.33 22.39
N MET B 88 25.61 18.56 21.95
CA MET B 88 24.72 18.95 20.83
C MET B 88 23.42 18.17 20.82
N TYR B 89 22.43 18.69 20.07
CA TYR B 89 21.16 18.02 19.87
C TYR B 89 21.27 17.01 18.72
N ALA B 90 20.65 15.85 18.90
CA ALA B 90 20.60 14.79 17.92
C ALA B 90 19.33 13.97 18.03
N VAL B 91 18.90 13.38 16.90
CA VAL B 91 17.81 12.40 16.84
C VAL B 91 18.53 11.10 17.27
N VAL B 92 18.02 10.45 18.29
CA VAL B 92 18.63 9.28 18.90
C VAL B 92 17.81 8.05 18.51
N ILE B 93 18.34 7.26 17.56
CA ILE B 93 17.68 6.06 17.07
C ILE B 93 18.19 4.88 17.86
N LYS B 94 17.27 4.02 18.33
CA LYS B 94 17.64 2.81 19.06
C LYS B 94 18.14 1.78 18.09
N TYR B 95 19.39 1.32 18.28
CA TYR B 95 20.01 0.33 17.39
C TYR B 95 19.18 -0.96 17.32
N SER B 96 18.64 -1.43 18.47
CA SER B 96 17.82 -2.64 18.55
C SER B 96 16.58 -2.55 17.65
N SER B 97 15.92 -1.38 17.62
CA SER B 97 14.73 -1.12 16.80
C SER B 97 15.10 -1.18 15.32
N TYR B 98 16.22 -0.53 14.95
CA TYR B 98 16.70 -0.56 13.58
C TYR B 98 17.04 -1.99 13.14
N SER B 99 17.71 -2.77 14.02
CA SER B 99 18.11 -4.16 13.71
C SER B 99 16.96 -5.08 13.44
N ILE B 100 15.91 -5.03 14.28
CA ILE B 100 14.75 -5.89 14.09
C ILE B 100 14.02 -5.50 12.82
N LEU B 101 13.92 -4.20 12.54
CA LEU B 101 13.20 -3.77 11.34
C LEU B 101 13.95 -4.14 10.11
N LYS B 102 15.28 -4.03 10.12
CA LYS B 102 16.13 -4.40 8.99
C LYS B 102 16.02 -5.93 8.72
N ARG B 103 16.07 -6.76 9.79
CA ARG B 103 15.92 -8.21 9.72
C ARG B 103 14.54 -8.59 9.13
N LEU B 104 13.46 -7.91 9.57
CA LEU B 104 12.11 -8.12 9.07
C LEU B 104 12.01 -7.92 7.53
N TYR B 105 12.64 -6.86 6.98
CA TYR B 105 12.51 -6.61 5.55
C TYR B 105 13.57 -7.35 4.68
N LEU B 106 14.50 -8.09 5.33
CA LEU B 106 15.52 -8.93 4.69
C LEU B 106 15.05 -10.42 4.69
N GLU B 107 14.65 -10.94 5.88
CA GLU B 107 14.20 -12.31 6.07
C GLU B 107 13.01 -12.36 7.04
N MET C 5 0.39 -16.80 -14.42
CA MET C 5 0.32 -15.64 -15.32
C MET C 5 -1.14 -15.20 -15.65
N VAL C 6 -2.12 -15.63 -14.85
CA VAL C 6 -3.55 -15.27 -14.98
C VAL C 6 -3.86 -14.24 -13.88
N LYS C 7 -3.73 -12.96 -14.23
CA LYS C 7 -3.92 -11.85 -13.30
C LYS C 7 -5.40 -11.58 -12.93
N ASP C 8 -5.62 -11.07 -11.71
CA ASP C 8 -6.90 -10.61 -11.19
C ASP C 8 -6.77 -9.08 -11.25
N LEU C 9 -7.46 -8.47 -12.23
CA LEU C 9 -7.50 -7.03 -12.49
C LEU C 9 -8.01 -6.22 -11.30
N ASN C 10 -8.89 -6.82 -10.46
CA ASN C 10 -9.44 -6.16 -9.27
C ASN C 10 -8.36 -5.77 -8.28
N LEU C 11 -7.27 -6.57 -8.20
CA LEU C 11 -6.16 -6.31 -7.29
C LEU C 11 -5.47 -5.01 -7.63
N TYR C 12 -5.23 -4.74 -8.93
CA TYR C 12 -4.60 -3.52 -9.44
C TYR C 12 -5.49 -2.33 -9.30
N ALA C 13 -6.81 -2.52 -9.50
CA ALA C 13 -7.80 -1.45 -9.41
C ALA C 13 -8.05 -1.02 -7.97
N LYS C 14 -8.37 -1.95 -7.05
CA LYS C 14 -8.55 -1.65 -5.62
C LYS C 14 -7.31 -0.95 -5.05
N GLU C 15 -6.11 -1.40 -5.43
CA GLU C 15 -4.84 -0.81 -4.97
C GLU C 15 -4.74 0.66 -5.39
N LEU C 16 -5.06 0.97 -6.65
CA LEU C 16 -5.01 2.34 -7.12
C LEU C 16 -5.95 3.21 -6.26
N VAL C 17 -7.19 2.72 -6.01
CA VAL C 17 -8.21 3.36 -5.19
C VAL C 17 -7.72 3.52 -3.73
N ASP C 18 -7.13 2.46 -3.14
CA ASP C 18 -6.60 2.47 -1.76
C ASP C 18 -5.48 3.46 -1.55
N VAL C 19 -4.58 3.57 -2.52
CA VAL C 19 -3.43 4.51 -2.51
C VAL C 19 -3.94 5.96 -2.45
N VAL C 20 -4.90 6.30 -3.31
CA VAL C 20 -5.49 7.64 -3.38
C VAL C 20 -6.23 7.97 -2.12
N ASN C 21 -7.06 7.03 -1.64
CA ASN C 21 -7.83 7.17 -0.41
C ASN C 21 -6.95 7.41 0.77
N TYR C 22 -5.83 6.68 0.90
CA TYR C 22 -4.89 6.80 1.99
C TYR C 22 -4.27 8.19 2.00
N LEU C 23 -3.79 8.64 0.81
CA LEU C 23 -3.17 9.94 0.66
C LEU C 23 -4.15 11.10 0.84
N MET C 24 -5.44 10.91 0.45
CA MET C 24 -6.52 11.88 0.64
C MET C 24 -6.75 12.08 2.12
N LYS C 25 -6.93 10.98 2.88
CA LYS C 25 -7.12 10.96 4.33
C LYS C 25 -5.95 11.66 5.07
N LYS C 26 -4.71 11.47 4.62
CA LYS C 26 -3.52 12.06 5.24
C LYS C 26 -3.24 13.50 4.73
N ASN C 27 -4.09 14.00 3.79
CA ASN C 27 -3.96 15.33 3.12
C ASN C 27 -2.60 15.49 2.43
N GLN C 28 -2.13 14.42 1.77
CA GLN C 28 -0.82 14.38 1.13
C GLN C 28 -0.90 14.34 -0.38
N LEU C 29 -2.05 14.69 -0.93
CA LEU C 29 -2.24 14.69 -2.38
C LEU C 29 -2.13 16.09 -2.94
N VAL C 30 -1.73 16.16 -4.19
CA VAL C 30 -1.72 17.41 -4.93
C VAL C 30 -2.58 17.12 -6.17
N PHE C 31 -3.52 18.01 -6.46
CA PHE C 31 -4.41 17.94 -7.60
C PHE C 31 -3.97 18.94 -8.66
N SER C 32 -4.33 18.72 -9.95
CA SER C 32 -4.05 19.68 -11.00
C SER C 32 -5.17 20.74 -10.94
N ARG C 33 -4.97 21.94 -11.52
CA ARG C 33 -5.91 23.08 -11.46
C ARG C 33 -7.36 22.71 -11.88
N ASN C 34 -7.49 21.90 -12.93
CA ASN C 34 -8.77 21.44 -13.48
C ASN C 34 -9.31 20.16 -12.79
N ASN C 35 -8.58 19.66 -11.74
CA ASN C 35 -8.94 18.43 -11.00
C ASN C 35 -8.99 17.17 -11.89
N LYS C 36 -8.28 17.19 -13.02
CA LYS C 36 -8.22 16.10 -13.96
C LYS C 36 -7.18 15.07 -13.50
N PHE C 37 -6.14 15.52 -12.76
CA PHE C 37 -5.05 14.67 -12.30
C PHE C 37 -4.74 14.76 -10.84
N ILE C 38 -4.16 13.68 -10.29
CA ILE C 38 -3.68 13.56 -8.93
C ILE C 38 -2.19 13.31 -9.06
N TYR C 39 -1.37 14.13 -8.42
CA TYR C 39 0.09 14.02 -8.46
C TYR C 39 0.59 13.41 -7.19
N VAL C 40 1.42 12.36 -7.35
CA VAL C 40 2.00 11.65 -6.22
C VAL C 40 3.50 11.56 -6.45
N ASN C 41 4.27 11.72 -5.39
CA ASN C 41 5.72 11.58 -5.38
C ASN C 41 6.06 10.10 -5.74
N THR C 42 7.02 9.90 -6.65
CA THR C 42 7.45 8.57 -7.12
C THR C 42 7.93 7.64 -5.97
N GLU C 43 8.72 8.16 -5.00
CA GLU C 43 9.21 7.39 -3.86
C GLU C 43 8.09 6.97 -2.92
N THR C 44 7.05 7.82 -2.75
CA THR C 44 5.86 7.53 -1.93
C THR C 44 5.08 6.37 -2.53
N ILE C 45 4.80 6.43 -3.84
CA ILE C 45 4.11 5.37 -4.57
C ILE C 45 4.88 4.04 -4.45
N LYS C 46 6.21 4.08 -4.72
CA LYS C 46 7.04 2.88 -4.66
C LYS C 46 7.01 2.22 -3.30
N SER C 47 7.02 3.02 -2.24
CA SER C 47 6.97 2.53 -0.87
C SER C 47 5.61 1.87 -0.54
N MET C 48 4.51 2.48 -1.01
CA MET C 48 3.16 1.97 -0.82
C MET C 48 2.86 0.71 -1.63
N LEU C 49 3.28 0.69 -2.90
CA LEU C 49 3.05 -0.46 -3.78
C LEU C 49 3.84 -1.71 -3.38
N GLU C 50 4.79 -1.60 -2.44
CA GLU C 50 5.58 -2.73 -1.95
C GLU C 50 4.80 -3.68 -1.04
N LYS C 51 3.81 -3.16 -0.34
CA LYS C 51 3.01 -3.89 0.63
C LYS C 51 2.33 -5.21 0.11
N ARG C 52 1.54 -5.14 -0.98
CA ARG C 52 0.79 -6.27 -1.53
C ARG C 52 1.58 -6.99 -2.60
N ASN C 53 1.98 -8.21 -2.31
CA ASN C 53 2.86 -9.01 -3.15
C ASN C 53 2.22 -9.78 -4.33
N TYR C 54 1.09 -9.32 -4.89
CA TYR C 54 0.47 -10.00 -6.04
C TYR C 54 1.24 -9.69 -7.35
N ASP C 55 2.11 -8.66 -7.30
CA ASP C 55 2.98 -8.23 -8.38
C ASP C 55 4.07 -7.33 -7.81
N THR C 56 5.12 -7.05 -8.58
CA THR C 56 6.18 -6.12 -8.17
C THR C 56 5.66 -4.67 -8.35
N VAL C 57 6.42 -3.70 -7.85
CA VAL C 57 6.11 -2.26 -8.02
C VAL C 57 6.04 -1.92 -9.52
N ASP C 58 7.05 -2.32 -10.28
CA ASP C 58 7.11 -2.06 -11.72
C ASP C 58 6.03 -2.80 -12.51
N GLY C 59 5.64 -4.00 -12.04
CA GLY C 59 4.54 -4.76 -12.66
C GLY C 59 3.22 -4.03 -12.51
N LYS C 60 2.97 -3.41 -11.33
CA LYS C 60 1.76 -2.63 -11.06
C LYS C 60 1.77 -1.36 -11.90
N LEU C 61 2.89 -0.61 -11.89
CA LEU C 61 3.02 0.63 -12.67
C LEU C 61 2.88 0.39 -14.17
N TYR C 62 3.44 -0.71 -14.68
CA TYR C 62 3.35 -1.09 -16.10
C TYR C 62 1.89 -1.31 -16.48
N LEU C 63 1.13 -2.05 -15.65
CA LEU C 63 -0.28 -2.30 -15.95
C LEU C 63 -1.10 -1.01 -15.91
N TRP C 64 -0.87 -0.13 -14.88
CA TRP C 64 -1.57 1.15 -14.77
C TRP C 64 -1.28 2.01 -15.99
N ARG C 65 -0.03 1.99 -16.47
CA ARG C 65 0.38 2.73 -17.66
C ARG C 65 -0.29 2.19 -18.93
N GLU C 66 -0.32 0.85 -19.11
CA GLU C 66 -0.91 0.20 -20.28
C GLU C 66 -2.41 0.35 -20.38
N LEU C 67 -3.08 0.42 -19.23
CA LEU C 67 -4.52 0.60 -19.14
C LEU C 67 -4.87 2.08 -19.09
N GLU C 68 -3.86 2.94 -19.10
CA GLU C 68 -3.96 4.40 -19.12
C GLU C 68 -4.70 4.96 -17.88
N TRP C 69 -4.41 4.41 -16.69
CA TRP C 69 -4.94 4.92 -15.44
C TRP C 69 -3.99 6.02 -14.92
N ILE C 70 -2.74 6.00 -15.38
CA ILE C 70 -1.67 6.93 -15.07
C ILE C 70 -1.11 7.50 -16.37
N GLU C 71 -0.64 8.75 -16.35
CA GLU C 71 -0.02 9.42 -17.50
C GLU C 71 1.51 9.45 -17.29
N CYS C 72 2.25 8.89 -18.25
CA CYS C 72 3.71 8.74 -18.18
C CYS C 72 4.43 9.39 -19.31
N ALA C 73 5.73 9.65 -19.08
CA ALA C 73 6.66 10.13 -20.07
C ALA C 73 7.04 8.89 -20.92
N GLU C 74 7.55 9.09 -22.14
CA GLU C 74 7.96 7.99 -23.04
C GLU C 74 9.04 7.13 -22.36
N ASP C 75 8.75 5.80 -22.20
CA ASP C 75 9.66 4.82 -21.59
C ASP C 75 9.95 5.08 -20.09
N ARG C 76 8.96 5.58 -19.35
CA ARG C 76 9.06 5.87 -17.91
C ARG C 76 7.73 5.52 -17.22
N PHE C 77 7.69 5.64 -15.87
CA PHE C 77 6.45 5.43 -15.09
C PHE C 77 5.95 6.73 -14.45
N ASN C 78 6.77 7.74 -14.52
CA ASN C 78 6.44 9.04 -14.00
C ASN C 78 6.57 10.06 -15.11
N LYS C 79 6.10 11.28 -14.85
CA LYS C 79 6.07 12.36 -15.81
C LYS C 79 6.56 13.64 -15.15
N ARG C 80 7.27 14.49 -15.94
CA ARG C 80 7.74 15.78 -15.47
C ARG C 80 6.55 16.74 -15.54
N ILE C 81 6.16 17.25 -14.37
CA ILE C 81 5.04 18.18 -14.21
C ILE C 81 5.47 19.44 -13.42
N LYS C 82 4.66 20.51 -13.49
CA LYS C 82 4.90 21.80 -12.86
C LYS C 82 3.88 22.05 -11.73
N ILE C 83 4.38 22.33 -10.51
CA ILE C 83 3.58 22.64 -9.30
C ILE C 83 4.10 23.98 -8.71
N ASP C 84 3.28 25.07 -8.80
CA ASP C 84 3.60 26.43 -8.34
C ASP C 84 4.95 26.90 -8.87
N GLY C 85 5.15 26.75 -10.18
CA GLY C 85 6.36 27.13 -10.89
C GLY C 85 7.51 26.13 -10.81
N GLU C 86 7.42 25.16 -9.89
CA GLU C 86 8.47 24.17 -9.71
C GLU C 86 8.25 22.93 -10.57
N ASN C 87 9.28 22.54 -11.34
CA ASN C 87 9.23 21.34 -12.17
C ASN C 87 9.76 20.14 -11.38
N MET C 88 9.01 19.02 -11.44
CA MET C 88 9.36 17.79 -10.74
C MET C 88 8.71 16.58 -11.37
N TYR C 89 9.28 15.40 -11.08
CA TYR C 89 8.75 14.13 -11.52
C TYR C 89 7.70 13.66 -10.53
N ALA C 90 6.59 13.16 -11.07
CA ALA C 90 5.50 12.63 -10.26
C ALA C 90 4.80 11.52 -11.01
N VAL C 91 4.13 10.62 -10.26
CA VAL C 91 3.23 9.63 -10.80
C VAL C 91 1.91 10.41 -10.95
N VAL C 92 1.38 10.47 -12.17
CA VAL C 92 0.19 11.25 -12.52
C VAL C 92 -0.99 10.34 -12.68
N ILE C 93 -1.89 10.31 -11.67
CA ILE C 93 -3.09 9.47 -11.69
C ILE C 93 -4.25 10.24 -12.30
N LYS C 94 -4.96 9.64 -13.24
CA LYS C 94 -6.16 10.25 -13.84
C LYS C 94 -7.32 10.18 -12.85
N TYR C 95 -7.88 11.35 -12.49
CA TYR C 95 -9.00 11.41 -11.55
C TYR C 95 -10.24 10.59 -12.05
N SER C 96 -10.50 10.63 -13.35
CA SER C 96 -11.62 9.90 -13.97
C SER C 96 -11.50 8.39 -13.74
N SER C 97 -10.28 7.85 -13.86
CA SER C 97 -9.95 6.44 -13.65
C SER C 97 -10.21 6.08 -12.18
N TYR C 98 -9.72 6.93 -11.27
CA TYR C 98 -9.94 6.72 -9.85
C TYR C 98 -11.45 6.72 -9.49
N SER C 99 -12.22 7.68 -10.05
CA SER C 99 -13.66 7.80 -9.78
C SER C 99 -14.46 6.59 -10.19
N ILE C 100 -14.23 6.09 -11.43
CA ILE C 100 -14.97 4.93 -11.91
C ILE C 100 -14.57 3.69 -11.13
N LEU C 101 -13.25 3.52 -10.83
CA LEU C 101 -12.79 2.35 -10.08
C LEU C 101 -13.34 2.36 -8.65
N LYS C 102 -13.40 3.54 -8.02
CA LYS C 102 -13.96 3.69 -6.68
C LYS C 102 -15.45 3.28 -6.66
N ARG C 103 -16.21 3.69 -7.68
CA ARG C 103 -17.63 3.37 -7.81
C ARG C 103 -17.89 1.87 -7.93
N LEU C 104 -16.98 1.13 -8.62
CA LEU C 104 -17.09 -0.31 -8.77
C LEU C 104 -17.08 -1.04 -7.43
N TYR C 105 -16.18 -0.63 -6.50
CA TYR C 105 -15.99 -1.31 -5.22
C TYR C 105 -16.69 -0.64 -4.02
N LEU C 106 -17.41 0.48 -4.26
CA LEU C 106 -18.18 1.30 -3.30
C LEU C 106 -17.48 1.50 -1.94
N HIS D 4 -23.39 -6.98 -3.42
CA HIS D 4 -24.69 -6.62 -3.99
C HIS D 4 -24.49 -5.65 -5.18
N MET D 5 -24.05 -4.40 -4.90
CA MET D 5 -23.79 -3.33 -5.89
C MET D 5 -22.32 -3.36 -6.33
N VAL D 6 -21.47 -4.08 -5.57
CA VAL D 6 -20.01 -4.27 -5.79
C VAL D 6 -19.82 -5.08 -7.05
N LYS D 7 -19.09 -4.50 -8.01
CA LYS D 7 -18.86 -5.11 -9.32
C LYS D 7 -17.50 -5.79 -9.42
N ASP D 8 -17.40 -6.81 -10.29
CA ASP D 8 -16.21 -7.59 -10.58
C ASP D 8 -15.74 -7.10 -11.96
N LEU D 9 -14.67 -6.30 -11.96
CA LEU D 9 -14.06 -5.71 -13.15
C LEU D 9 -13.59 -6.76 -14.17
N ASN D 10 -13.26 -7.99 -13.72
CA ASN D 10 -12.83 -9.07 -14.61
C ASN D 10 -13.93 -9.48 -15.58
N LEU D 11 -15.20 -9.36 -15.16
CA LEU D 11 -16.34 -9.70 -16.02
C LEU D 11 -16.38 -8.81 -17.28
N TYR D 12 -16.12 -7.49 -17.10
CA TYR D 12 -16.07 -6.50 -18.18
C TYR D 12 -14.86 -6.64 -19.05
N ALA D 13 -13.68 -6.85 -18.45
CA ALA D 13 -12.40 -7.02 -19.15
C ALA D 13 -12.36 -8.31 -19.98
N LYS D 14 -12.82 -9.47 -19.40
CA LYS D 14 -12.92 -10.76 -20.10
C LYS D 14 -13.94 -10.70 -21.24
N GLU D 15 -15.03 -9.94 -21.06
CA GLU D 15 -16.04 -9.75 -22.09
C GLU D 15 -15.43 -9.03 -23.29
N LEU D 16 -14.72 -7.92 -23.08
CA LEU D 16 -14.10 -7.25 -24.21
C LEU D 16 -13.20 -8.22 -25.03
N VAL D 17 -12.37 -9.02 -24.32
CA VAL D 17 -11.47 -10.00 -24.92
C VAL D 17 -12.25 -11.09 -25.68
N ASP D 18 -13.29 -11.66 -25.06
CA ASP D 18 -14.13 -12.71 -25.66
C ASP D 18 -14.88 -12.23 -26.89
N VAL D 19 -15.39 -11.01 -26.85
CA VAL D 19 -16.10 -10.37 -27.96
C VAL D 19 -15.18 -10.30 -29.20
N VAL D 20 -13.96 -9.78 -29.01
CA VAL D 20 -12.99 -9.63 -30.10
C VAL D 20 -12.54 -11.00 -30.64
N ASN D 21 -12.23 -11.94 -29.74
CA ASN D 21 -11.85 -13.30 -30.11
C ASN D 21 -12.93 -13.99 -30.91
N TYR D 22 -14.22 -13.83 -30.51
CA TYR D 22 -15.37 -14.43 -31.20
C TYR D 22 -15.47 -13.87 -32.62
N LEU D 23 -15.37 -12.54 -32.74
CA LEU D 23 -15.45 -11.86 -34.02
C LEU D 23 -14.27 -12.16 -34.93
N MET D 24 -13.07 -12.38 -34.36
CA MET D 24 -11.85 -12.78 -35.09
C MET D 24 -12.09 -14.16 -35.73
N LYS D 25 -12.54 -15.12 -34.92
CA LYS D 25 -12.90 -16.50 -35.30
C LYS D 25 -13.94 -16.52 -36.44
N LYS D 26 -14.97 -15.66 -36.37
CA LYS D 26 -16.05 -15.57 -37.36
C LYS D 26 -15.70 -14.67 -38.55
N ASN D 27 -14.47 -14.09 -38.57
CA ASN D 27 -13.98 -13.16 -39.60
C ASN D 27 -14.91 -11.95 -39.78
N GLN D 28 -15.44 -11.43 -38.68
CA GLN D 28 -16.37 -10.31 -38.68
C GLN D 28 -15.78 -9.02 -38.13
N LEU D 29 -14.45 -8.95 -38.05
CA LEU D 29 -13.76 -7.76 -37.56
C LEU D 29 -13.21 -6.92 -38.66
N VAL D 30 -13.22 -5.62 -38.43
CA VAL D 30 -12.62 -4.66 -39.33
C VAL D 30 -11.62 -3.91 -38.47
N PHE D 31 -10.39 -3.81 -38.96
CA PHE D 31 -9.32 -3.09 -38.30
C PHE D 31 -9.15 -1.74 -38.97
N SER D 32 -8.54 -0.79 -38.25
CA SER D 32 -8.25 0.52 -38.81
C SER D 32 -7.02 0.33 -39.73
N ARG D 33 -6.70 1.31 -40.60
CA ARG D 33 -5.55 1.20 -41.51
C ARG D 33 -4.24 0.92 -40.74
N ASN D 34 -4.03 1.66 -39.63
CA ASN D 34 -2.85 1.57 -38.75
C ASN D 34 -2.96 0.43 -37.69
N ASN D 35 -4.07 -0.36 -37.69
CA ASN D 35 -4.40 -1.45 -36.76
C ASN D 35 -4.50 -0.98 -35.27
N LYS D 36 -4.69 0.32 -35.03
CA LYS D 36 -4.83 0.95 -33.72
C LYS D 36 -6.23 0.68 -33.13
N PHE D 37 -7.23 0.47 -34.02
CA PHE D 37 -8.62 0.26 -33.65
C PHE D 37 -9.27 -0.93 -34.30
N ILE D 38 -10.28 -1.46 -33.64
CA ILE D 38 -11.12 -2.55 -34.09
C ILE D 38 -12.53 -1.92 -34.18
N TYR D 39 -13.15 -2.01 -35.37
CA TYR D 39 -14.49 -1.49 -35.63
C TYR D 39 -15.46 -2.62 -35.62
N VAL D 40 -16.50 -2.48 -34.81
CA VAL D 40 -17.54 -3.47 -34.69
C VAL D 40 -18.87 -2.80 -34.99
N ASN D 41 -19.71 -3.51 -35.75
CA ASN D 41 -21.06 -3.15 -36.12
C ASN D 41 -21.85 -2.98 -34.81
N THR D 42 -22.58 -1.88 -34.73
CA THR D 42 -23.32 -1.47 -33.54
C THR D 42 -24.41 -2.50 -33.13
N GLU D 43 -25.09 -3.13 -34.10
CA GLU D 43 -26.11 -4.15 -33.84
C GLU D 43 -25.51 -5.48 -33.37
N THR D 44 -24.35 -5.85 -33.92
CA THR D 44 -23.62 -7.07 -33.58
C THR D 44 -23.17 -7.00 -32.13
N ILE D 45 -22.53 -5.89 -31.75
CA ILE D 45 -22.00 -5.78 -30.40
C ILE D 45 -23.15 -5.70 -29.37
N LYS D 46 -24.28 -5.02 -29.69
CA LYS D 46 -25.45 -4.94 -28.79
C LYS D 46 -26.04 -6.36 -28.54
N SER D 47 -26.13 -7.14 -29.62
CA SER D 47 -26.64 -8.51 -29.57
C SER D 47 -25.73 -9.39 -28.70
N MET D 48 -24.39 -9.20 -28.80
CA MET D 48 -23.43 -9.97 -28.03
C MET D 48 -23.40 -9.56 -26.57
N LEU D 49 -23.56 -8.28 -26.27
CA LEU D 49 -23.52 -7.82 -24.89
C LEU D 49 -24.77 -8.19 -24.08
N GLU D 50 -25.76 -8.81 -24.73
CA GLU D 50 -27.00 -9.25 -24.09
C GLU D 50 -26.87 -10.63 -23.44
N LYS D 51 -25.97 -11.48 -23.95
CA LYS D 51 -25.70 -12.85 -23.50
C LYS D 51 -25.40 -12.99 -22.01
N ARG D 52 -24.40 -12.23 -21.47
CA ARG D 52 -23.96 -12.32 -20.06
C ARG D 52 -24.65 -11.27 -19.21
N ASN D 53 -25.54 -11.72 -18.34
CA ASN D 53 -26.42 -10.86 -17.58
C ASN D 53 -25.85 -10.20 -16.30
N TYR D 54 -24.53 -9.97 -16.22
CA TYR D 54 -23.96 -9.32 -15.02
C TYR D 54 -24.20 -7.80 -15.02
N ASP D 55 -24.61 -7.26 -16.17
CA ASP D 55 -24.94 -5.85 -16.39
C ASP D 55 -25.74 -5.73 -17.70
N THR D 56 -26.37 -4.56 -17.92
CA THR D 56 -27.10 -4.27 -19.17
C THR D 56 -26.05 -3.92 -20.23
N VAL D 57 -26.47 -3.83 -21.49
CA VAL D 57 -25.61 -3.47 -22.62
C VAL D 57 -25.02 -2.07 -22.35
N ASP D 58 -25.86 -1.09 -21.98
CA ASP D 58 -25.40 0.28 -21.69
C ASP D 58 -24.50 0.37 -20.47
N GLY D 59 -24.71 -0.49 -19.47
CA GLY D 59 -23.85 -0.56 -18.28
C GLY D 59 -22.44 -1.03 -18.64
N LYS D 60 -22.34 -2.00 -19.58
CA LYS D 60 -21.06 -2.52 -20.04
C LYS D 60 -20.34 -1.47 -20.89
N LEU D 61 -21.06 -0.88 -21.83
CA LEU D 61 -20.50 0.16 -22.71
C LEU D 61 -20.05 1.39 -21.90
N TYR D 62 -20.80 1.78 -20.86
CA TYR D 62 -20.47 2.90 -20.00
C TYR D 62 -19.15 2.66 -19.27
N LEU D 63 -18.97 1.46 -18.71
CA LEU D 63 -17.71 1.13 -18.05
C LEU D 63 -16.51 1.11 -19.04
N TRP D 64 -16.68 0.51 -20.25
CA TRP D 64 -15.66 0.46 -21.28
C TRP D 64 -15.27 1.86 -21.70
N ARG D 65 -16.27 2.77 -21.81
CA ARG D 65 -16.03 4.16 -22.18
C ARG D 65 -15.30 4.91 -21.07
N GLU D 66 -15.68 4.72 -19.79
CA GLU D 66 -15.05 5.38 -18.64
C GLU D 66 -13.61 4.94 -18.40
N LEU D 67 -13.31 3.69 -18.72
CA LEU D 67 -11.97 3.13 -18.58
C LEU D 67 -11.15 3.33 -19.85
N GLU D 68 -11.78 3.95 -20.88
CA GLU D 68 -11.21 4.28 -22.19
C GLU D 68 -10.71 3.07 -22.96
N TRP D 69 -11.48 1.97 -22.94
CA TRP D 69 -11.18 0.76 -23.72
C TRP D 69 -11.82 0.93 -25.12
N ILE D 70 -12.85 1.80 -25.22
CA ILE D 70 -13.58 2.14 -26.45
C ILE D 70 -13.54 3.64 -26.66
N GLU D 71 -13.56 4.09 -27.94
CA GLU D 71 -13.58 5.51 -28.30
C GLU D 71 -15.01 5.84 -28.79
N CYS D 72 -15.61 6.86 -28.16
CA CYS D 72 -16.99 7.27 -28.43
C CYS D 72 -17.16 8.68 -28.89
N ALA D 73 -18.33 8.96 -29.47
CA ALA D 73 -18.80 10.30 -29.81
C ALA D 73 -19.25 10.90 -28.47
N GLU D 74 -19.35 12.24 -28.38
CA GLU D 74 -19.72 12.94 -27.14
C GLU D 74 -21.05 12.46 -26.49
N ASP D 75 -22.12 12.22 -27.26
CA ASP D 75 -23.41 11.80 -26.69
C ASP D 75 -23.85 10.36 -27.05
N ARG D 76 -22.93 9.47 -27.46
CA ARG D 76 -23.29 8.06 -27.75
C ARG D 76 -22.11 7.12 -27.50
N PHE D 77 -22.35 5.82 -27.54
CA PHE D 77 -21.36 4.75 -27.29
C PHE D 77 -20.65 4.33 -28.58
N ASN D 78 -21.11 4.85 -29.71
CA ASN D 78 -20.49 4.56 -31.00
C ASN D 78 -19.91 5.81 -31.61
N LYS D 79 -19.25 5.65 -32.74
CA LYS D 79 -18.58 6.73 -33.43
C LYS D 79 -18.80 6.56 -34.91
N ARG D 80 -18.81 7.68 -35.62
N ARG D 80 -18.84 7.68 -35.64
CA ARG D 80 -18.93 7.73 -37.07
CA ARG D 80 -18.98 7.71 -37.09
C ARG D 80 -17.51 7.58 -37.58
C ARG D 80 -17.56 7.61 -37.62
N ILE D 81 -17.29 6.57 -38.42
CA ILE D 81 -15.96 6.30 -38.95
C ILE D 81 -15.95 6.23 -40.48
N LYS D 82 -14.75 6.26 -41.04
CA LYS D 82 -14.54 6.20 -42.47
C LYS D 82 -13.60 5.01 -42.79
N ILE D 83 -14.05 4.12 -43.70
CA ILE D 83 -13.32 2.95 -44.19
C ILE D 83 -13.33 3.00 -45.74
N ASP D 84 -12.16 3.29 -46.36
CA ASP D 84 -11.95 3.43 -47.81
C ASP D 84 -13.00 4.36 -48.46
N GLY D 85 -13.15 5.54 -47.86
CA GLY D 85 -14.10 6.56 -48.31
C GLY D 85 -15.53 6.38 -47.85
N GLU D 86 -15.88 5.20 -47.30
CA GLU D 86 -17.25 4.93 -46.83
C GLU D 86 -17.41 5.29 -45.35
N ASN D 87 -18.44 6.10 -45.05
CA ASN D 87 -18.77 6.51 -43.69
C ASN D 87 -19.82 5.58 -43.08
N MET D 88 -19.62 5.21 -41.80
CA MET D 88 -20.51 4.30 -41.05
C MET D 88 -20.36 4.44 -39.53
N TYR D 89 -21.37 4.03 -38.77
CA TYR D 89 -21.30 4.04 -37.30
C TYR D 89 -20.72 2.72 -36.85
N ALA D 90 -19.88 2.78 -35.83
CA ALA D 90 -19.29 1.58 -35.26
C ALA D 90 -18.89 1.80 -33.82
N VAL D 91 -18.82 0.71 -33.05
CA VAL D 91 -18.23 0.68 -31.71
C VAL D 91 -16.72 0.54 -32.01
N VAL D 92 -15.91 1.48 -31.49
CA VAL D 92 -14.47 1.56 -31.75
C VAL D 92 -13.68 1.05 -30.55
N ILE D 93 -13.13 -0.15 -30.65
CA ILE D 93 -12.35 -0.77 -29.59
C ILE D 93 -10.88 -0.48 -29.81
N LYS D 94 -10.18 -0.04 -28.76
CA LYS D 94 -8.74 0.24 -28.82
C LYS D 94 -7.96 -1.09 -28.82
N TYR D 95 -7.16 -1.31 -29.86
CA TYR D 95 -6.37 -2.54 -29.98
C TYR D 95 -5.40 -2.72 -28.80
N SER D 96 -4.79 -1.63 -28.33
CA SER D 96 -3.88 -1.65 -27.18
C SER D 96 -4.57 -2.18 -25.90
N SER D 97 -5.82 -1.75 -25.64
CA SER D 97 -6.62 -2.18 -24.50
C SER D 97 -6.91 -3.67 -24.60
N TYR D 98 -7.34 -4.13 -25.80
CA TYR D 98 -7.61 -5.53 -26.03
C TYR D 98 -6.33 -6.38 -25.82
N SER D 99 -5.17 -5.91 -26.31
CA SER D 99 -3.89 -6.63 -26.19
C SER D 99 -3.44 -6.83 -24.76
N ILE D 100 -3.50 -5.77 -23.95
CA ILE D 100 -3.07 -5.85 -22.55
C ILE D 100 -4.05 -6.75 -21.77
N LEU D 101 -5.34 -6.60 -22.00
CA LEU D 101 -6.34 -7.42 -21.33
C LEU D 101 -6.22 -8.89 -21.68
N LYS D 102 -5.97 -9.20 -22.97
CA LYS D 102 -5.75 -10.58 -23.45
C LYS D 102 -4.52 -11.22 -22.76
N ARG D 103 -3.44 -10.45 -22.62
CA ARG D 103 -2.20 -10.88 -21.96
C ARG D 103 -2.41 -11.21 -20.46
N LEU D 104 -3.29 -10.47 -19.77
CA LEU D 104 -3.63 -10.71 -18.37
C LEU D 104 -4.28 -12.06 -18.15
N TYR D 105 -5.16 -12.50 -19.06
CA TYR D 105 -5.93 -13.71 -18.84
C TYR D 105 -5.34 -14.97 -19.46
N LEU D 106 -4.06 -14.92 -19.91
CA LEU D 106 -3.30 -16.04 -20.45
C LEU D 106 -2.92 -17.02 -19.33
#